data_1KNW
#
_entry.id   1KNW
#
_cell.length_a   98.580
_cell.length_b   98.580
_cell.length_c   176.950
_cell.angle_alpha   90.00
_cell.angle_beta   90.00
_cell.angle_gamma   120.00
#
_symmetry.space_group_name_H-M   'P 61 2 2'
#
loop_
_entity.id
_entity.type
_entity.pdbx_description
1 polymer 'Diaminopimelate decarboxylase'
2 non-polymer 'SULFATE ION'
3 non-polymer 'LITHIUM ION'
4 non-polymer "PYRIDOXAL-5'-PHOSPHATE"
5 non-polymer '2-(N-MORPHOLINO)-ETHANESULFONIC ACID'
6 water water
#
_entity_poly.entity_id   1
_entity_poly.type   'polypeptide(L)'
_entity_poly.pdbx_seq_one_letter_code
;MPHSLFSTDTDLTAENLLRLPAEFGCPVWVYDAQIIRRQIAALKQFDVVRFAQKACSNIHILRLMREQGVKVDSVSLGEI
ERALAAGYNPQTHPDDIVFTADVIDQATLERVSELQIPVNAGSVDMLDQLGQVSPGHRVWLRVNPGFGHGHSQKTNTGGE
NSKHGIWYTDLPAALDVIQRHHLQLVGIHMHIGSGVDYAHLEQVCGAMVRQVIEFGQDLQAISAGGGLSVPYQQGEEAVD
TEHYYGLWNAAREQIARHLGHPVKLEIEPGRFLVAQSGVLITQVRSVKQMGSRHFVLVDAGFNDLMRPAMYGSYHHISAL
AADGRSLEHAPTVETVVAGPLCESGDVFTQQEGGNVETRALPEVKAGDYLVLHDTGAYGASMSSNYNSRPLLPEVLFDNG
QARLIRRRQTIEELLALELLHHHHH
;
_entity_poly.pdbx_strand_id   A
#
loop_
_chem_comp.id
_chem_comp.type
_chem_comp.name
_chem_comp.formula
LI non-polymer 'LITHIUM ION' 'Li 1'
MES non-polymer '2-(N-MORPHOLINO)-ETHANESULFONIC ACID' 'C6 H13 N O4 S'
PLP non-polymer PYRIDOXAL-5'-PHOSPHATE 'C8 H10 N O6 P'
SO4 non-polymer 'SULFATE ION' 'O4 S -2'
#
# COMPACT_ATOMS: atom_id res chain seq x y z
N PRO A 2 8.73 -14.57 5.12
CA PRO A 2 9.70 -13.57 4.60
C PRO A 2 11.03 -14.20 4.20
N HIS A 3 11.97 -13.36 3.79
CA HIS A 3 13.31 -13.84 3.42
C HIS A 3 14.15 -14.05 4.68
N SER A 4 15.00 -15.07 4.67
CA SER A 4 16.00 -15.18 5.75
C SER A 4 17.15 -14.23 5.44
N LEU A 5 17.77 -13.66 6.45
CA LEU A 5 18.87 -12.73 6.26
C LEU A 5 20.13 -13.44 5.79
N PHE A 6 20.12 -14.76 5.79
CA PHE A 6 21.22 -15.58 5.34
C PHE A 6 20.88 -16.35 4.08
N SER A 7 19.83 -15.89 3.39
CA SER A 7 19.50 -16.43 2.07
C SER A 7 20.48 -15.85 1.04
N THR A 8 20.57 -14.52 1.02
CA THR A 8 21.46 -13.80 0.14
C THR A 8 21.15 -14.03 -1.33
N ASP A 9 19.87 -13.99 -1.69
CA ASP A 9 19.49 -13.87 -3.10
C ASP A 9 19.20 -12.40 -3.39
N THR A 10 18.67 -11.71 -2.38
CA THR A 10 18.40 -10.28 -2.48
C THR A 10 19.52 -9.47 -1.85
N ASP A 11 19.35 -8.15 -1.77
CA ASP A 11 20.33 -7.31 -1.11
C ASP A 11 20.01 -7.14 0.38
N LEU A 12 18.96 -7.79 0.85
CA LEU A 12 18.53 -7.69 2.23
C LEU A 12 19.18 -8.75 3.11
N THR A 13 20.51 -8.82 3.12
CA THR A 13 21.24 -9.81 3.92
C THR A 13 21.70 -9.22 5.24
N ALA A 14 22.30 -10.04 6.09
CA ALA A 14 22.80 -9.69 7.39
C ALA A 14 23.91 -8.67 7.39
N GLU A 15 24.96 -8.89 6.59
CA GLU A 15 26.07 -7.92 6.56
C GLU A 15 25.56 -6.60 5.96
N ASN A 16 24.72 -6.71 4.94
CA ASN A 16 24.14 -5.55 4.29
C ASN A 16 23.29 -4.71 5.24
N LEU A 17 22.45 -5.34 6.04
CA LEU A 17 21.58 -4.63 6.96
C LEU A 17 22.30 -4.05 8.15
N LEU A 18 23.32 -4.72 8.68
CA LEU A 18 24.02 -4.22 9.86
C LEU A 18 24.72 -2.91 9.59
N ARG A 19 25.33 -2.75 8.42
CA ARG A 19 26.04 -1.54 8.05
C ARG A 19 25.18 -0.36 7.73
N LEU A 20 23.91 -0.54 7.39
CA LEU A 20 23.03 0.54 6.99
C LEU A 20 22.76 1.59 8.02
N PRO A 21 22.44 1.22 9.27
CA PRO A 21 22.19 2.16 10.33
C PRO A 21 23.40 3.02 10.66
N ALA A 22 24.61 2.48 10.52
CA ALA A 22 25.81 3.30 10.77
C ALA A 22 25.96 4.39 9.72
N GLU A 23 25.66 4.07 8.46
CA GLU A 23 25.81 5.02 7.38
C GLU A 23 24.68 6.04 7.33
N PHE A 24 23.44 5.58 7.42
CA PHE A 24 22.28 6.40 7.18
C PHE A 24 21.52 6.83 8.41
N GLY A 25 21.81 6.28 9.57
CA GLY A 25 21.07 6.67 10.79
C GLY A 25 20.10 5.54 11.17
N CYS A 26 19.53 5.65 12.36
CA CYS A 26 18.64 4.57 12.86
C CYS A 26 17.59 5.17 13.78
N PRO A 27 16.35 4.73 13.65
CA PRO A 27 15.95 3.69 12.75
C PRO A 27 15.85 4.13 11.31
N VAL A 28 15.69 3.18 10.39
CA VAL A 28 15.72 3.52 8.95
C VAL A 28 14.95 2.48 8.15
N TRP A 29 14.19 2.94 7.16
CA TRP A 29 13.49 2.05 6.23
C TRP A 29 14.43 1.66 5.07
N VAL A 30 14.41 0.39 4.70
CA VAL A 30 15.24 -0.07 3.59
C VAL A 30 14.39 -0.86 2.59
N TYR A 31 14.62 -0.63 1.31
CA TYR A 31 13.87 -1.29 0.25
C TYR A 31 14.83 -1.92 -0.77
N ASP A 32 14.40 -3.05 -1.32
CA ASP A 32 15.21 -3.74 -2.34
C ASP A 32 14.49 -3.62 -3.67
N ALA A 33 15.03 -2.79 -4.56
CA ALA A 33 14.48 -2.52 -5.86
C ALA A 33 14.17 -3.76 -6.67
N GLN A 34 15.04 -4.76 -6.64
CA GLN A 34 14.80 -5.95 -7.46
C GLN A 34 13.61 -6.75 -7.00
N ILE A 35 13.29 -6.76 -5.71
CA ILE A 35 12.10 -7.45 -5.22
C ILE A 35 10.84 -6.79 -5.78
N ILE A 36 10.83 -5.47 -5.86
CA ILE A 36 9.72 -4.75 -6.50
C ILE A 36 9.61 -5.11 -7.97
N ARG A 37 10.74 -5.13 -8.68
CA ARG A 37 10.72 -5.53 -10.09
C ARG A 37 10.19 -6.95 -10.25
N ARG A 38 10.58 -7.84 -9.34
CA ARG A 38 10.06 -9.20 -9.34
C ARG A 38 8.55 -9.24 -9.18
N GLN A 39 8.01 -8.49 -8.23
CA GLN A 39 6.55 -8.44 -8.07
C GLN A 39 5.85 -7.86 -9.29
N ILE A 40 6.47 -6.85 -9.92
CA ILE A 40 5.88 -6.26 -11.13
C ILE A 40 5.80 -7.28 -12.25
N ALA A 41 6.84 -8.11 -12.41
CA ALA A 41 6.90 -9.09 -13.47
C ALA A 41 5.84 -10.17 -13.33
N ALA A 42 5.46 -10.50 -12.08
CA ALA A 42 4.45 -11.52 -11.84
C ALA A 42 3.08 -11.13 -12.36
N LEU A 43 2.84 -9.85 -12.62
CA LEU A 43 1.57 -9.36 -13.14
C LEU A 43 1.68 -8.93 -14.59
N LYS A 44 2.65 -9.50 -15.32
CA LYS A 44 2.87 -9.11 -16.70
C LYS A 44 1.71 -9.41 -17.62
N GLN A 45 0.85 -10.36 -17.29
CA GLN A 45 -0.31 -10.69 -18.13
C GLN A 45 -1.29 -9.54 -18.23
N PHE A 46 -1.41 -8.74 -17.15
CA PHE A 46 -2.41 -7.66 -17.17
C PHE A 46 -2.00 -6.58 -18.14
N ASP A 47 -2.99 -5.96 -18.80
CA ASP A 47 -2.72 -4.87 -19.72
C ASP A 47 -2.02 -3.71 -18.97
N VAL A 48 -2.58 -3.38 -17.81
CA VAL A 48 -2.10 -2.28 -17.00
C VAL A 48 -1.92 -2.71 -15.55
N VAL A 49 -0.76 -2.43 -15.01
CA VAL A 49 -0.54 -2.58 -13.55
C VAL A 49 -0.49 -1.15 -12.99
N ARG A 50 -1.51 -0.77 -12.23
CA ARG A 50 -1.60 0.57 -11.69
C ARG A 50 -1.30 0.57 -10.20
N PHE A 51 -0.10 1.00 -9.83
CA PHE A 51 0.35 0.94 -8.45
C PHE A 51 -0.49 1.83 -7.55
N ALA A 52 -0.99 1.25 -6.48
CA ALA A 52 -1.72 2.02 -5.45
C ALA A 52 -0.69 2.67 -4.55
N GLN A 53 -0.28 3.90 -4.87
CA GLN A 53 0.83 4.52 -4.19
C GLN A 53 0.66 4.79 -2.72
N LYS A 54 -0.55 4.66 -2.18
CA LYS A 54 -0.74 4.83 -0.73
C LYS A 54 0.00 3.78 0.06
N ALA A 55 0.39 2.67 -0.56
CA ALA A 55 1.16 1.64 0.12
C ALA A 55 2.62 2.02 0.34
N CYS A 56 3.16 2.88 -0.50
CA CYS A 56 4.60 3.25 -0.42
C CYS A 56 4.83 4.35 -1.46
N SER A 57 4.91 5.59 -1.03
CA SER A 57 4.80 6.73 -1.92
C SER A 57 6.08 7.44 -2.26
N ASN A 58 7.21 7.02 -1.73
CA ASN A 58 8.48 7.73 -2.04
C ASN A 58 8.57 7.90 -3.55
N ILE A 59 8.87 9.12 -3.99
CA ILE A 59 8.93 9.43 -5.41
C ILE A 59 9.99 8.65 -6.15
N HIS A 60 11.07 8.22 -5.51
CA HIS A 60 12.07 7.41 -6.18
C HIS A 60 11.55 6.02 -6.45
N ILE A 61 10.67 5.54 -5.53
CA ILE A 61 10.04 4.24 -5.76
C ILE A 61 8.95 4.39 -6.82
N LEU A 62 8.30 5.56 -6.88
CA LEU A 62 7.36 5.84 -7.96
C LEU A 62 8.07 5.89 -9.30
N ARG A 63 9.27 6.51 -9.33
CA ARG A 63 10.06 6.55 -10.55
C ARG A 63 10.42 5.15 -11.03
N LEU A 64 10.78 4.28 -10.10
CA LEU A 64 11.07 2.89 -10.41
C LEU A 64 9.86 2.20 -11.04
N MET A 65 8.67 2.43 -10.48
CA MET A 65 7.44 1.89 -11.06
C MET A 65 7.30 2.35 -12.52
N ARG A 66 7.41 3.66 -12.74
CA ARG A 66 7.21 4.22 -14.06
C ARG A 66 8.20 3.68 -15.08
N GLU A 67 9.46 3.51 -14.67
CA GLU A 67 10.47 2.88 -15.48
C GLU A 67 10.07 1.48 -15.90
N GLN A 68 9.33 0.75 -15.06
CA GLN A 68 8.90 -0.61 -15.38
C GLN A 68 7.58 -0.63 -16.13
N GLY A 69 7.05 0.54 -16.50
CA GLY A 69 5.84 0.61 -17.30
C GLY A 69 4.58 0.50 -16.45
N VAL A 70 4.75 0.68 -15.15
CA VAL A 70 3.66 0.64 -14.19
C VAL A 70 3.03 2.04 -14.06
N LYS A 71 1.71 2.08 -14.10
CA LYS A 71 1.00 3.36 -13.97
C LYS A 71 0.69 3.60 -12.50
N VAL A 72 -0.01 4.69 -12.19
CA VAL A 72 -0.21 5.00 -10.78
C VAL A 72 -1.60 5.48 -10.45
N ASP A 73 -2.09 5.05 -9.27
CA ASP A 73 -3.36 5.53 -8.74
C ASP A 73 -3.08 6.51 -7.59
N SER A 74 -3.62 7.71 -7.66
CA SER A 74 -3.47 8.69 -6.58
C SER A 74 -4.79 8.91 -5.86
N VAL A 75 -4.77 8.97 -4.54
CA VAL A 75 -6.01 9.05 -3.77
C VAL A 75 -6.15 10.36 -3.02
N SER A 76 -5.24 11.29 -3.28
CA SER A 76 -5.27 12.61 -2.68
C SER A 76 -4.53 13.61 -3.59
N LEU A 77 -4.70 14.89 -3.33
CA LEU A 77 -3.98 15.90 -4.09
C LEU A 77 -2.47 15.72 -3.87
N GLY A 78 -2.08 15.41 -2.64
CA GLY A 78 -0.68 15.14 -2.34
C GLY A 78 -0.12 14.02 -3.21
N GLU A 79 -0.89 12.94 -3.40
CA GLU A 79 -0.43 11.82 -4.22
C GLU A 79 -0.35 12.19 -5.69
N ILE A 80 -1.20 13.13 -6.14
CA ILE A 80 -1.09 13.63 -7.51
C ILE A 80 0.26 14.32 -7.70
N GLU A 81 0.62 15.16 -6.72
CA GLU A 81 1.88 15.91 -6.82
C GLU A 81 3.06 14.96 -6.79
N ARG A 82 2.97 13.93 -5.96
CA ARG A 82 4.02 12.91 -5.89
C ARG A 82 4.21 12.26 -7.26
N ALA A 83 3.11 11.86 -7.89
CA ALA A 83 3.17 11.25 -9.22
C ALA A 83 3.82 12.17 -10.24
N LEU A 84 3.44 13.45 -10.23
CA LEU A 84 4.05 14.43 -11.13
C LEU A 84 5.54 14.59 -10.85
N ALA A 85 5.94 14.59 -9.58
CA ALA A 85 7.34 14.68 -9.22
C ALA A 85 8.13 13.48 -9.72
N ALA A 86 7.46 12.34 -9.88
CA ALA A 86 8.09 11.12 -10.37
C ALA A 86 8.11 11.01 -11.88
N GLY A 87 7.64 12.01 -12.59
CA GLY A 87 7.75 12.04 -14.04
C GLY A 87 6.52 11.55 -14.75
N TYR A 88 5.45 11.21 -14.03
CA TYR A 88 4.18 10.89 -14.73
C TYR A 88 3.64 12.19 -15.34
N ASN A 89 3.06 12.10 -16.52
CA ASN A 89 2.68 13.32 -17.26
C ASN A 89 1.32 13.17 -17.89
N PRO A 90 0.30 13.82 -17.31
CA PRO A 90 -1.04 13.78 -17.81
C PRO A 90 -1.21 14.38 -19.19
N GLN A 91 -0.36 15.34 -19.57
CA GLN A 91 -0.49 16.02 -20.85
C GLN A 91 -0.10 15.10 -22.01
N THR A 92 1.02 14.39 -21.86
CA THR A 92 1.42 13.45 -22.92
C THR A 92 0.72 12.12 -22.79
N HIS A 93 0.50 11.66 -21.55
CA HIS A 93 -0.14 10.38 -21.30
C HIS A 93 -1.27 10.52 -20.31
N PRO A 94 -2.50 10.71 -20.80
CA PRO A 94 -3.65 10.99 -19.98
C PRO A 94 -4.07 9.93 -19.01
N ASP A 95 -3.74 8.66 -19.23
CA ASP A 95 -4.17 7.60 -18.31
C ASP A 95 -3.07 7.13 -17.39
N ASP A 96 -1.94 7.82 -17.34
CA ASP A 96 -0.85 7.40 -16.45
C ASP A 96 -1.16 7.65 -14.99
N ILE A 97 -1.88 8.71 -14.68
CA ILE A 97 -2.38 8.97 -13.33
C ILE A 97 -3.93 8.93 -13.36
N VAL A 98 -4.49 8.19 -12.44
CA VAL A 98 -5.93 8.24 -12.18
C VAL A 98 -6.12 8.74 -10.74
N PHE A 99 -7.00 9.71 -10.53
CA PHE A 99 -7.34 10.14 -9.18
C PHE A 99 -8.56 9.38 -8.69
N THR A 100 -8.41 8.66 -7.60
CA THR A 100 -9.44 7.78 -7.07
C THR A 100 -9.79 8.12 -5.63
N ALA A 101 -11.06 8.38 -5.36
CA ALA A 101 -11.52 8.62 -3.99
C ALA A 101 -13.06 8.58 -3.90
N ASP A 102 -13.57 8.67 -2.69
CA ASP A 102 -14.99 8.72 -2.42
C ASP A 102 -15.49 10.16 -2.30
N VAL A 103 -14.57 11.09 -2.06
CA VAL A 103 -14.90 12.50 -2.01
C VAL A 103 -13.81 13.28 -2.79
N ILE A 104 -14.09 14.52 -3.10
CA ILE A 104 -13.12 15.38 -3.78
C ILE A 104 -13.25 16.81 -3.23
N ASP A 105 -12.13 17.43 -2.89
CA ASP A 105 -12.19 18.79 -2.34
C ASP A 105 -11.88 19.80 -3.45
N GLN A 106 -12.09 21.07 -3.14
CA GLN A 106 -11.92 22.15 -4.08
C GLN A 106 -10.56 22.21 -4.75
N ALA A 107 -9.47 22.12 -4.00
CA ALA A 107 -8.14 22.16 -4.60
C ALA A 107 -7.93 21.01 -5.58
N THR A 108 -8.42 19.83 -5.24
CA THR A 108 -8.28 18.67 -6.13
C THR A 108 -9.10 18.83 -7.39
N LEU A 109 -10.35 19.28 -7.26
CA LEU A 109 -11.19 19.57 -8.42
C LEU A 109 -10.45 20.47 -9.41
N GLU A 110 -9.84 21.54 -8.90
CA GLU A 110 -9.11 22.47 -9.75
C GLU A 110 -7.90 21.82 -10.39
N ARG A 111 -7.18 20.98 -9.65
CA ARG A 111 -6.00 20.30 -10.18
C ARG A 111 -6.35 19.26 -11.23
N VAL A 112 -7.36 18.42 -10.98
CA VAL A 112 -7.72 17.40 -11.97
C VAL A 112 -8.39 18.01 -13.18
N SER A 113 -9.10 19.13 -13.02
CA SER A 113 -9.67 19.83 -14.19
C SER A 113 -8.55 20.40 -15.04
N GLU A 114 -7.64 21.11 -14.39
CA GLU A 114 -6.51 21.75 -15.05
C GLU A 114 -5.68 20.77 -15.87
N LEU A 115 -5.35 19.63 -15.28
CA LEU A 115 -4.47 18.66 -15.93
C LEU A 115 -5.21 17.61 -16.71
N GLN A 116 -6.53 17.60 -16.62
CA GLN A 116 -7.35 16.57 -17.27
C GLN A 116 -6.91 15.18 -16.83
N ILE A 117 -6.78 15.01 -15.52
CA ILE A 117 -6.52 13.70 -14.92
C ILE A 117 -7.85 12.97 -14.70
N PRO A 118 -7.99 11.82 -15.33
CA PRO A 118 -9.19 11.00 -15.18
C PRO A 118 -9.51 10.77 -13.70
N VAL A 119 -10.79 10.89 -13.37
CA VAL A 119 -11.24 10.72 -12.00
C VAL A 119 -12.10 9.47 -11.85
N ASN A 120 -11.72 8.63 -10.91
CA ASN A 120 -12.50 7.47 -10.51
C ASN A 120 -13.33 7.87 -9.28
N ALA A 121 -14.60 8.20 -9.52
CA ALA A 121 -15.48 8.70 -8.48
C ALA A 121 -16.13 7.56 -7.70
N GLY A 122 -16.13 7.67 -6.37
CA GLY A 122 -16.71 6.67 -5.51
C GLY A 122 -17.96 7.17 -4.77
N SER A 123 -18.51 8.28 -5.17
CA SER A 123 -19.80 8.77 -4.67
C SER A 123 -20.48 9.55 -5.81
N VAL A 124 -21.80 9.47 -5.92
CA VAL A 124 -22.50 10.22 -6.98
C VAL A 124 -22.33 11.72 -6.77
N ASP A 125 -22.34 12.16 -5.53
CA ASP A 125 -22.12 13.55 -5.15
C ASP A 125 -20.80 14.09 -5.75
N MET A 126 -19.75 13.31 -5.57
CA MET A 126 -18.42 13.63 -6.08
C MET A 126 -18.44 13.70 -7.60
N LEU A 127 -19.15 12.75 -8.22
CA LEU A 127 -19.30 12.74 -9.66
C LEU A 127 -20.00 14.00 -10.15
N ASP A 128 -21.02 14.44 -9.38
CA ASP A 128 -21.73 15.67 -9.73
C ASP A 128 -20.86 16.91 -9.58
N GLN A 129 -20.13 17.00 -8.48
CA GLN A 129 -19.25 18.13 -8.21
C GLN A 129 -18.18 18.26 -9.29
N LEU A 130 -17.61 17.13 -9.69
CA LEU A 130 -16.62 17.11 -10.75
C LEU A 130 -17.24 17.60 -12.07
N GLY A 131 -18.39 17.03 -12.42
CA GLY A 131 -19.06 17.32 -13.68
C GLY A 131 -19.42 18.79 -13.81
N GLN A 132 -19.92 19.39 -12.74
CA GLN A 132 -20.33 20.78 -12.76
C GLN A 132 -19.18 21.71 -13.15
N VAL A 133 -17.99 21.48 -12.61
CA VAL A 133 -16.86 22.35 -12.90
C VAL A 133 -16.00 21.86 -14.05
N SER A 134 -16.17 20.61 -14.46
CA SER A 134 -15.37 20.07 -15.57
C SER A 134 -16.25 19.18 -16.46
N PRO A 135 -17.16 19.81 -17.19
CA PRO A 135 -18.06 19.10 -18.08
C PRO A 135 -17.29 18.30 -19.12
N GLY A 136 -17.72 17.07 -19.38
CA GLY A 136 -17.07 16.17 -20.31
C GLY A 136 -15.84 15.49 -19.76
N HIS A 137 -15.59 15.58 -18.45
CA HIS A 137 -14.39 14.96 -17.87
C HIS A 137 -14.39 13.45 -18.10
N ARG A 138 -13.21 12.87 -18.28
CA ARG A 138 -13.11 11.41 -18.42
C ARG A 138 -13.18 10.76 -17.05
N VAL A 139 -14.15 9.88 -16.80
CA VAL A 139 -14.34 9.31 -15.47
C VAL A 139 -14.33 7.79 -15.43
N TRP A 140 -13.98 7.27 -14.24
CA TRP A 140 -14.23 5.88 -13.88
C TRP A 140 -15.31 5.88 -12.76
N LEU A 141 -16.00 4.77 -12.61
CA LEU A 141 -16.96 4.62 -11.51
C LEU A 141 -16.46 3.47 -10.62
N ARG A 142 -16.21 3.77 -9.35
CA ARG A 142 -15.93 2.70 -8.40
C ARG A 142 -17.27 2.18 -7.86
N VAL A 143 -17.54 0.90 -8.09
CA VAL A 143 -18.82 0.31 -7.67
C VAL A 143 -18.66 -0.52 -6.41
N ASN A 144 -19.59 -0.32 -5.47
CA ASN A 144 -19.72 -1.21 -4.32
C ASN A 144 -20.79 -2.24 -4.67
N PRO A 145 -20.38 -3.48 -4.88
CA PRO A 145 -21.25 -4.53 -5.39
C PRO A 145 -22.17 -5.14 -4.37
N GLY A 146 -22.24 -4.58 -3.15
CA GLY A 146 -23.12 -5.08 -2.13
C GLY A 146 -22.46 -5.96 -1.09
N PHE A 147 -21.16 -6.23 -1.26
CA PHE A 147 -20.44 -7.05 -0.29
C PHE A 147 -18.94 -6.73 -0.31
N GLY A 148 -18.28 -6.95 0.82
CA GLY A 148 -16.85 -6.68 0.91
C GLY A 148 -16.07 -7.98 1.16
N HIS A 149 -15.09 -7.88 2.04
CA HIS A 149 -14.28 -9.04 2.44
C HIS A 149 -14.05 -9.00 3.94
N GLY A 150 -14.38 -10.07 4.64
CA GLY A 150 -14.18 -10.13 6.10
C GLY A 150 -15.51 -10.05 6.83
N HIS A 151 -15.46 -9.73 8.11
CA HIS A 151 -16.64 -9.63 8.96
C HIS A 151 -17.63 -8.59 8.43
N SER A 152 -18.89 -8.96 8.35
CA SER A 152 -19.95 -8.13 7.83
C SER A 152 -20.31 -6.95 8.70
N GLN A 153 -19.95 -6.94 9.96
CA GLN A 153 -20.25 -5.81 10.83
C GLN A 153 -19.21 -4.71 10.79
N LYS A 154 -17.98 -5.05 10.42
CA LYS A 154 -16.84 -4.16 10.59
C LYS A 154 -16.55 -3.27 9.41
N THR A 155 -15.68 -2.26 9.64
CA THR A 155 -15.29 -1.38 8.50
C THR A 155 -14.79 -2.26 7.37
N ASN A 156 -15.15 -1.93 6.13
CA ASN A 156 -14.92 -2.87 5.02
C ASN A 156 -14.61 -2.12 3.73
N THR A 157 -14.14 -2.86 2.73
CA THR A 157 -13.87 -2.26 1.42
C THR A 157 -15.12 -2.32 0.53
N GLY A 158 -16.11 -3.07 0.99
CA GLY A 158 -17.37 -3.20 0.25
C GLY A 158 -18.52 -3.51 1.20
N GLY A 159 -19.72 -3.65 0.65
CA GLY A 159 -20.89 -3.98 1.51
C GLY A 159 -21.40 -2.72 2.19
N GLU A 160 -22.52 -2.84 2.89
CA GLU A 160 -23.16 -1.71 3.53
C GLU A 160 -22.39 -1.09 4.66
N ASN A 161 -21.39 -1.77 5.23
CA ASN A 161 -20.55 -1.16 6.26
C ASN A 161 -19.23 -0.66 5.72
N SER A 162 -19.27 -0.16 4.49
CA SER A 162 -18.13 0.42 3.82
C SER A 162 -18.52 1.81 3.30
N LYS A 163 -17.61 2.76 3.42
CA LYS A 163 -17.85 4.10 2.88
C LYS A 163 -17.51 4.16 1.40
N HIS A 164 -16.96 3.08 0.86
CA HIS A 164 -16.36 3.06 -0.45
C HIS A 164 -17.28 2.78 -1.61
N GLY A 165 -17.22 3.61 -2.64
CA GLY A 165 -17.82 3.37 -3.91
C GLY A 165 -19.31 3.62 -4.00
N ILE A 166 -19.77 3.72 -5.25
CA ILE A 166 -21.20 3.94 -5.50
C ILE A 166 -21.96 2.64 -5.28
N TRP A 167 -22.90 2.66 -4.35
CA TRP A 167 -23.72 1.45 -4.10
C TRP A 167 -24.32 1.00 -5.42
N TYR A 168 -24.29 -0.27 -5.73
CA TYR A 168 -24.71 -0.78 -7.03
C TYR A 168 -26.10 -0.37 -7.44
N THR A 169 -27.04 -0.20 -6.52
CA THR A 169 -28.39 0.24 -6.89
C THR A 169 -28.48 1.75 -7.07
N ASP A 170 -27.38 2.47 -6.85
CA ASP A 170 -27.30 3.89 -7.13
C ASP A 170 -26.75 4.17 -8.52
N LEU A 171 -26.44 3.12 -9.29
CA LEU A 171 -25.92 3.25 -10.63
C LEU A 171 -26.75 4.03 -11.59
N PRO A 172 -28.06 3.84 -11.64
CA PRO A 172 -28.95 4.63 -12.48
C PRO A 172 -28.85 6.11 -12.15
N ALA A 173 -28.74 6.44 -10.86
CA ALA A 173 -28.55 7.84 -10.46
C ALA A 173 -27.20 8.37 -10.91
N ALA A 174 -26.18 7.52 -10.91
CA ALA A 174 -24.85 7.92 -11.42
C ALA A 174 -24.92 8.19 -12.92
N LEU A 175 -25.68 7.38 -13.66
CA LEU A 175 -25.82 7.59 -15.10
C LEU A 175 -26.48 8.93 -15.40
N ASP A 176 -27.49 9.31 -14.63
CA ASP A 176 -28.13 10.62 -14.80
C ASP A 176 -27.08 11.73 -14.67
N VAL A 177 -26.21 11.61 -13.67
CA VAL A 177 -25.15 12.61 -13.47
C VAL A 177 -24.19 12.61 -14.65
N ILE A 178 -23.76 11.44 -15.08
CA ILE A 178 -22.91 11.32 -16.26
C ILE A 178 -23.54 12.01 -17.46
N GLN A 179 -24.81 11.77 -17.72
CA GLN A 179 -25.51 12.37 -18.86
C GLN A 179 -25.70 13.86 -18.71
N ARG A 180 -26.00 14.33 -17.51
CA ARG A 180 -26.19 15.75 -17.25
C ARG A 180 -24.94 16.56 -17.60
N HIS A 181 -23.77 16.07 -17.22
CA HIS A 181 -22.53 16.82 -17.46
C HIS A 181 -21.74 16.30 -18.64
N HIS A 182 -22.30 15.43 -19.45
CA HIS A 182 -21.63 14.85 -20.60
C HIS A 182 -20.32 14.16 -20.24
N LEU A 183 -20.26 13.52 -19.07
CA LEU A 183 -19.05 12.83 -18.65
C LEU A 183 -18.74 11.68 -19.60
N GLN A 184 -17.44 11.44 -19.79
CA GLN A 184 -17.03 10.35 -20.69
C GLN A 184 -16.59 9.15 -19.86
N LEU A 185 -17.38 8.07 -19.90
CA LEU A 185 -17.08 6.90 -19.09
C LEU A 185 -15.93 6.09 -19.69
N VAL A 186 -14.82 6.07 -18.98
CA VAL A 186 -13.62 5.37 -19.41
C VAL A 186 -13.66 3.91 -18.96
N GLY A 187 -14.09 3.71 -17.70
CA GLY A 187 -14.07 2.38 -17.14
C GLY A 187 -14.86 2.22 -15.87
N ILE A 188 -14.98 0.95 -15.45
CA ILE A 188 -15.68 0.64 -14.20
C ILE A 188 -14.74 -0.16 -13.31
N HIS A 189 -14.72 0.18 -12.04
CA HIS A 189 -13.68 -0.35 -11.13
C HIS A 189 -14.30 -0.88 -9.86
N MET A 190 -13.69 -1.90 -9.27
CA MET A 190 -14.00 -2.37 -7.94
C MET A 190 -12.69 -2.58 -7.14
N HIS A 191 -12.70 -2.13 -5.90
CA HIS A 191 -11.58 -2.43 -5.00
C HIS A 191 -12.15 -3.03 -3.71
N ILE A 192 -12.04 -4.36 -3.63
CA ILE A 192 -12.64 -5.15 -2.57
C ILE A 192 -11.55 -5.95 -1.85
N GLY A 193 -10.78 -6.70 -2.65
CA GLY A 193 -9.61 -7.40 -2.14
C GLY A 193 -9.99 -8.82 -1.73
N SER A 194 -9.27 -9.81 -2.24
CA SER A 194 -9.58 -11.20 -1.95
C SER A 194 -8.43 -11.98 -1.35
N GLY A 195 -7.23 -11.45 -1.34
CA GLY A 195 -6.07 -12.24 -0.83
C GLY A 195 -5.91 -13.48 -1.71
N VAL A 196 -5.86 -14.65 -1.08
CA VAL A 196 -5.78 -15.91 -1.82
C VAL A 196 -7.09 -16.69 -1.67
N ASP A 197 -8.16 -15.98 -1.33
CA ASP A 197 -9.49 -16.58 -1.25
C ASP A 197 -10.10 -16.57 -2.66
N TYR A 198 -9.76 -17.57 -3.48
CA TYR A 198 -10.14 -17.55 -4.88
C TYR A 198 -11.62 -17.64 -5.14
N ALA A 199 -12.39 -18.19 -4.22
CA ALA A 199 -13.85 -18.25 -4.36
C ALA A 199 -14.44 -16.84 -4.18
N HIS A 200 -13.86 -16.12 -3.22
CA HIS A 200 -14.29 -14.73 -3.01
C HIS A 200 -13.92 -13.87 -4.21
N LEU A 201 -12.71 -14.10 -4.75
CA LEU A 201 -12.28 -13.39 -5.94
C LEU A 201 -13.25 -13.60 -7.09
N GLU A 202 -13.74 -14.84 -7.21
CA GLU A 202 -14.69 -15.17 -8.27
C GLU A 202 -16.01 -14.44 -8.11
N GLN A 203 -16.46 -14.21 -6.88
CA GLN A 203 -17.64 -13.39 -6.64
C GLN A 203 -17.42 -11.94 -7.06
N VAL A 204 -16.23 -11.39 -6.80
CA VAL A 204 -15.94 -10.02 -7.25
C VAL A 204 -15.96 -9.95 -8.78
N CYS A 205 -15.26 -10.87 -9.44
CA CYS A 205 -15.26 -10.93 -10.90
C CYS A 205 -16.68 -11.05 -11.46
N GLY A 206 -17.46 -11.97 -10.88
CA GLY A 206 -18.83 -12.17 -11.31
C GLY A 206 -19.69 -10.93 -11.11
N ALA A 207 -19.49 -10.20 -10.00
CA ALA A 207 -20.27 -8.97 -9.79
C ALA A 207 -19.89 -7.90 -10.80
N MET A 208 -18.60 -7.81 -11.15
CA MET A 208 -18.15 -6.87 -12.17
C MET A 208 -18.84 -7.12 -13.50
N VAL A 209 -18.82 -8.36 -13.96
CA VAL A 209 -19.49 -8.71 -15.22
C VAL A 209 -20.98 -8.32 -15.16
N ARG A 210 -21.66 -8.76 -14.11
CA ARG A 210 -23.07 -8.47 -13.91
C ARG A 210 -23.38 -6.98 -13.93
N GLN A 211 -22.67 -6.22 -13.10
CA GLN A 211 -22.89 -4.80 -12.97
C GLN A 211 -22.59 -4.03 -14.25
N VAL A 212 -21.48 -4.35 -14.90
CA VAL A 212 -21.13 -3.65 -16.15
C VAL A 212 -22.19 -3.89 -17.22
N ILE A 213 -22.56 -5.15 -17.42
CA ILE A 213 -23.55 -5.49 -18.43
C ILE A 213 -24.90 -4.85 -18.13
N GLU A 214 -25.33 -4.91 -16.88
CA GLU A 214 -26.58 -4.27 -16.46
C GLU A 214 -26.54 -2.77 -16.62
N PHE A 215 -25.43 -2.12 -16.30
CA PHE A 215 -25.31 -0.66 -16.45
C PHE A 215 -25.53 -0.24 -17.91
N GLY A 216 -25.08 -1.07 -18.84
CA GLY A 216 -25.39 -0.91 -20.24
C GLY A 216 -24.67 0.23 -20.92
N GLN A 217 -23.55 0.70 -20.35
CA GLN A 217 -22.82 1.79 -20.99
C GLN A 217 -21.55 1.25 -21.65
N ASP A 218 -21.09 1.92 -22.69
CA ASP A 218 -19.81 1.58 -23.31
C ASP A 218 -18.66 2.10 -22.43
N LEU A 219 -17.56 1.39 -22.45
CA LEU A 219 -16.37 1.80 -21.68
C LEU A 219 -15.13 1.23 -22.34
N GLN A 220 -13.95 1.67 -21.91
CA GLN A 220 -12.70 1.24 -22.52
C GLN A 220 -11.95 0.25 -21.64
N ALA A 221 -12.26 0.23 -20.34
CA ALA A 221 -11.47 -0.58 -19.42
C ALA A 221 -12.23 -0.97 -18.17
N ILE A 222 -11.76 -2.04 -17.51
CA ILE A 222 -12.23 -2.38 -16.18
C ILE A 222 -11.00 -2.53 -15.25
N SER A 223 -11.20 -2.39 -13.96
CA SER A 223 -10.09 -2.58 -13.02
C SER A 223 -10.47 -3.57 -11.92
N ALA A 224 -9.57 -4.50 -11.63
CA ALA A 224 -9.74 -5.48 -10.59
C ALA A 224 -9.46 -4.92 -9.20
N GLY A 225 -9.01 -3.69 -9.13
CA GLY A 225 -8.69 -3.09 -7.82
C GLY A 225 -7.45 -3.79 -7.25
N GLY A 226 -7.26 -3.69 -5.95
CA GLY A 226 -6.08 -4.31 -5.33
C GLY A 226 -6.49 -5.36 -4.32
N GLY A 227 -5.67 -5.55 -3.29
CA GLY A 227 -6.01 -6.52 -2.25
C GLY A 227 -5.33 -7.86 -2.42
N LEU A 228 -4.33 -7.95 -3.29
CA LEU A 228 -3.51 -9.19 -3.34
C LEU A 228 -2.74 -9.24 -2.01
N SER A 229 -2.77 -10.38 -1.35
CA SER A 229 -2.13 -10.49 -0.02
C SER A 229 -0.67 -10.87 -0.16
N VAL A 230 0.10 -10.73 0.91
CA VAL A 230 1.44 -11.28 0.99
C VAL A 230 1.55 -12.13 2.26
N PRO A 231 2.34 -13.18 2.20
CA PRO A 231 2.51 -14.08 3.34
C PRO A 231 3.48 -13.48 4.35
N TYR A 232 2.96 -12.83 5.38
CA TYR A 232 3.80 -12.24 6.42
C TYR A 232 4.38 -13.28 7.35
N GLN A 233 3.68 -14.40 7.50
CA GLN A 233 4.13 -15.47 8.38
C GLN A 233 4.65 -16.67 7.59
N GLN A 234 5.74 -17.20 8.08
CA GLN A 234 6.33 -18.45 7.63
C GLN A 234 5.26 -19.48 7.27
N GLY A 235 5.31 -20.02 6.06
CA GLY A 235 4.39 -21.03 5.61
C GLY A 235 3.11 -20.58 5.00
N GLU A 236 2.73 -19.31 5.11
CA GLU A 236 1.47 -18.85 4.52
C GLU A 236 1.54 -18.88 3.00
N GLU A 237 0.39 -19.03 2.36
CA GLU A 237 0.32 -19.17 0.90
C GLU A 237 0.45 -17.82 0.20
N ALA A 238 1.28 -17.77 -0.85
CA ALA A 238 1.46 -16.57 -1.65
C ALA A 238 0.43 -16.52 -2.78
N VAL A 239 0.16 -15.32 -3.27
CA VAL A 239 -0.79 -15.15 -4.36
C VAL A 239 -0.32 -15.86 -5.64
N ASP A 240 -1.27 -16.49 -6.31
CA ASP A 240 -1.01 -17.08 -7.64
C ASP A 240 -1.53 -16.09 -8.69
N THR A 241 -0.64 -15.32 -9.30
CA THR A 241 -1.03 -14.26 -10.20
C THR A 241 -1.67 -14.77 -11.47
N GLU A 242 -1.24 -15.96 -11.90
CA GLU A 242 -1.84 -16.60 -13.07
C GLU A 242 -3.31 -16.92 -12.80
N HIS A 243 -3.60 -17.33 -11.58
CA HIS A 243 -4.96 -17.59 -11.14
C HIS A 243 -5.78 -16.29 -11.10
N TYR A 244 -5.18 -15.23 -10.55
CA TYR A 244 -5.83 -13.91 -10.58
C TYR A 244 -6.15 -13.51 -12.02
N TYR A 245 -5.17 -13.68 -12.92
CA TYR A 245 -5.35 -13.32 -14.30
C TYR A 245 -6.45 -14.13 -14.98
N GLY A 246 -6.43 -15.44 -14.77
CA GLY A 246 -7.45 -16.32 -15.35
C GLY A 246 -8.85 -15.82 -15.05
N LEU A 247 -9.14 -15.56 -13.77
CA LEU A 247 -10.47 -15.13 -13.37
C LEU A 247 -10.81 -13.75 -13.86
N TRP A 248 -9.90 -12.79 -13.75
CA TRP A 248 -10.19 -11.43 -14.20
C TRP A 248 -10.22 -11.31 -15.71
N ASN A 249 -9.33 -12.02 -16.42
CA ASN A 249 -9.40 -12.05 -17.88
C ASN A 249 -10.73 -12.60 -18.37
N ALA A 250 -11.21 -13.67 -17.73
CA ALA A 250 -12.50 -14.25 -18.08
C ALA A 250 -13.63 -13.24 -17.92
N ALA A 251 -13.59 -12.46 -16.85
CA ALA A 251 -14.59 -11.39 -16.66
C ALA A 251 -14.42 -10.31 -17.72
N ARG A 252 -13.18 -9.92 -18.01
CA ARG A 252 -12.94 -8.93 -19.05
C ARG A 252 -13.48 -9.40 -20.40
N GLU A 253 -13.23 -10.65 -20.74
CA GLU A 253 -13.66 -11.22 -22.02
C GLU A 253 -15.17 -11.24 -22.18
N GLN A 254 -15.89 -11.59 -21.11
CA GLN A 254 -17.36 -11.53 -21.18
C GLN A 254 -17.81 -10.10 -21.44
N ILE A 255 -17.20 -9.14 -20.73
CA ILE A 255 -17.56 -7.73 -20.93
C ILE A 255 -17.27 -7.30 -22.35
N ALA A 256 -16.07 -7.62 -22.85
CA ALA A 256 -15.69 -7.27 -24.21
C ALA A 256 -16.65 -7.87 -25.24
N ARG A 257 -17.02 -9.12 -25.04
CA ARG A 257 -17.97 -9.79 -25.92
C ARG A 257 -19.31 -9.04 -25.95
N HIS A 258 -19.75 -8.57 -24.78
CA HIS A 258 -20.97 -7.80 -24.70
CA HIS A 258 -20.95 -7.79 -24.70
C HIS A 258 -20.85 -6.45 -25.39
N LEU A 259 -19.68 -5.79 -25.27
CA LEU A 259 -19.48 -4.48 -25.85
C LEU A 259 -19.14 -4.50 -27.32
N GLY A 260 -18.63 -5.61 -27.84
CA GLY A 260 -18.27 -5.70 -29.25
C GLY A 260 -16.89 -5.17 -29.58
N HIS A 261 -16.06 -4.94 -28.57
CA HIS A 261 -14.70 -4.45 -28.79
C HIS A 261 -13.82 -4.78 -27.59
N PRO A 262 -12.51 -4.78 -27.79
CA PRO A 262 -11.56 -5.08 -26.76
C PRO A 262 -11.72 -4.13 -25.56
N VAL A 263 -11.60 -4.70 -24.37
CA VAL A 263 -11.67 -3.92 -23.13
C VAL A 263 -10.36 -4.13 -22.36
N LYS A 264 -9.74 -3.03 -21.95
CA LYS A 264 -8.46 -3.12 -21.23
C LYS A 264 -8.67 -3.56 -19.79
N LEU A 265 -7.74 -4.36 -19.29
CA LEU A 265 -7.84 -4.89 -17.93
C LEU A 265 -6.72 -4.33 -17.06
N GLU A 266 -7.10 -3.54 -16.07
CA GLU A 266 -6.15 -3.02 -15.10
C GLU A 266 -6.18 -3.86 -13.83
N ILE A 267 -5.05 -3.97 -13.16
CA ILE A 267 -5.00 -4.50 -11.79
C ILE A 267 -4.34 -3.41 -10.94
N GLU A 268 -4.76 -3.22 -9.71
CA GLU A 268 -4.27 -2.07 -8.92
C GLU A 268 -3.69 -2.46 -7.59
N PRO A 269 -2.59 -3.20 -7.57
CA PRO A 269 -1.97 -3.67 -6.36
C PRO A 269 -1.24 -2.55 -5.63
N GLY A 270 -1.24 -2.64 -4.32
CA GLY A 270 -0.47 -1.69 -3.48
C GLY A 270 0.55 -2.58 -2.71
N ARG A 271 0.02 -3.25 -1.69
CA ARG A 271 0.82 -4.15 -0.89
C ARG A 271 1.67 -5.12 -1.70
N PHE A 272 1.05 -5.85 -2.62
CA PHE A 272 1.71 -6.93 -3.35
C PHE A 272 3.02 -6.49 -3.98
N LEU A 273 3.06 -5.29 -4.56
CA LEU A 273 4.27 -4.85 -5.26
C LEU A 273 5.41 -4.54 -4.33
N VAL A 274 5.13 -3.98 -3.14
CA VAL A 274 6.18 -3.41 -2.31
C VAL A 274 6.39 -4.01 -0.94
N ALA A 275 5.47 -4.77 -0.36
CA ALA A 275 5.60 -5.24 1.00
C ALA A 275 6.93 -5.94 1.28
N GLN A 276 7.19 -7.03 0.57
CA GLN A 276 8.32 -7.90 0.83
C GLN A 276 9.66 -7.29 0.50
N SER A 277 9.67 -6.18 -0.25
CA SER A 277 10.87 -5.49 -0.62
C SER A 277 11.46 -4.66 0.52
N GLY A 278 10.67 -4.38 1.55
CA GLY A 278 11.10 -3.46 2.59
C GLY A 278 11.31 -4.03 3.94
N VAL A 279 12.31 -3.49 4.67
CA VAL A 279 12.51 -3.83 6.06
C VAL A 279 12.65 -2.53 6.89
N LEU A 280 12.56 -2.65 8.19
CA LEU A 280 12.80 -1.52 9.09
C LEU A 280 13.87 -1.97 10.11
N ILE A 281 14.97 -1.24 10.16
CA ILE A 281 16.07 -1.54 11.07
C ILE A 281 16.01 -0.61 12.29
N THR A 282 16.06 -1.19 13.48
CA THR A 282 15.91 -0.40 14.71
C THR A 282 16.86 -0.94 15.77
N GLN A 283 17.47 -0.06 16.55
CA GLN A 283 18.44 -0.48 17.56
C GLN A 283 17.76 -0.88 18.86
N VAL A 284 18.26 -1.92 19.50
CA VAL A 284 17.82 -2.26 20.87
C VAL A 284 18.39 -1.26 21.87
N ARG A 285 17.56 -0.63 22.67
CA ARG A 285 18.00 0.35 23.64
C ARG A 285 17.86 -0.10 25.08
N SER A 286 16.86 -0.89 25.42
CA SER A 286 16.65 -1.35 26.78
C SER A 286 16.13 -2.80 26.78
N VAL A 287 16.72 -3.60 27.64
CA VAL A 287 16.31 -4.99 27.83
C VAL A 287 16.03 -5.17 29.34
N LYS A 288 14.83 -5.63 29.66
CA LYS A 288 14.46 -5.78 31.07
C LYS A 288 13.38 -6.83 31.27
N GLN A 289 13.34 -7.35 32.50
CA GLN A 289 12.31 -8.33 32.87
C GLN A 289 11.15 -7.59 33.55
N MET A 290 9.95 -7.77 33.06
CA MET A 290 8.75 -7.24 33.74
C MET A 290 7.91 -8.42 34.23
N GLY A 291 8.06 -8.74 35.51
CA GLY A 291 7.33 -9.91 36.06
C GLY A 291 7.78 -11.15 35.29
N SER A 292 6.85 -11.82 34.61
CA SER A 292 7.17 -12.99 33.83
C SER A 292 7.48 -12.68 32.37
N ARG A 293 7.50 -11.41 32.00
CA ARG A 293 7.79 -11.04 30.62
C ARG A 293 9.21 -10.55 30.42
N HIS A 294 9.82 -11.00 29.32
CA HIS A 294 11.13 -10.51 28.91
C HIS A 294 10.96 -9.47 27.81
N PHE A 295 11.23 -8.21 28.12
CA PHE A 295 11.01 -7.11 27.21
C PHE A 295 12.28 -6.64 26.51
N VAL A 296 12.17 -6.37 25.22
CA VAL A 296 13.24 -5.75 24.46
C VAL A 296 12.68 -4.49 23.77
N LEU A 297 13.14 -3.31 24.20
CA LEU A 297 12.65 -2.05 23.66
C LEU A 297 13.65 -1.49 22.62
N VAL A 298 13.12 -1.09 21.48
CA VAL A 298 13.94 -0.56 20.39
C VAL A 298 13.65 0.92 20.15
N ASP A 299 14.39 1.55 19.23
CA ASP A 299 14.23 2.96 18.96
C ASP A 299 13.23 3.28 17.89
N ALA A 300 12.57 2.29 17.30
CA ALA A 300 11.43 2.58 16.40
C ALA A 300 10.13 2.26 17.14
N GLY A 301 9.09 3.03 16.93
CA GLY A 301 7.81 2.82 17.62
C GLY A 301 6.65 2.77 16.65
N PHE A 302 5.41 2.77 17.14
CA PHE A 302 4.26 2.67 16.24
C PHE A 302 4.08 3.91 15.37
N ASN A 303 4.63 5.05 15.76
CA ASN A 303 4.55 6.23 14.88
C ASN A 303 5.29 5.92 13.56
N ASP A 304 6.32 5.08 13.64
CA ASP A 304 7.07 4.62 12.49
C ASP A 304 6.33 3.51 11.74
N LEU A 305 6.18 2.37 12.37
CA LEU A 305 5.46 1.23 11.79
C LEU A 305 4.16 1.01 12.59
N MET A 306 3.03 1.37 12.00
CA MET A 306 1.76 1.39 12.69
C MET A 306 1.09 0.04 12.88
N ARG A 307 1.23 -0.85 11.93
CA ARG A 307 0.54 -2.10 11.84
C ARG A 307 0.36 -2.93 13.05
N PRO A 308 1.42 -3.36 13.73
CA PRO A 308 1.29 -4.22 14.91
C PRO A 308 0.49 -3.57 16.00
N ALA A 309 0.82 -2.33 16.36
CA ALA A 309 0.14 -1.64 17.44
C ALA A 309 -1.31 -1.34 17.11
N MET A 310 -1.56 -0.85 15.89
CA MET A 310 -2.92 -0.46 15.53
C MET A 310 -3.81 -1.65 15.22
N TYR A 311 -3.30 -2.66 14.50
CA TYR A 311 -4.13 -3.75 14.04
C TYR A 311 -3.74 -5.12 14.55
N GLY A 312 -2.61 -5.24 15.22
CA GLY A 312 -2.14 -6.55 15.68
C GLY A 312 -1.46 -7.32 14.54
N SER A 313 -1.02 -6.60 13.52
CA SER A 313 -0.39 -7.22 12.36
C SER A 313 0.93 -7.89 12.72
N TYR A 314 1.22 -8.98 12.01
CA TYR A 314 2.44 -9.73 12.16
C TYR A 314 3.52 -9.24 11.18
N HIS A 315 4.68 -8.95 11.72
CA HIS A 315 5.88 -8.73 10.93
C HIS A 315 6.99 -9.63 11.49
N HIS A 316 7.61 -10.41 10.64
CA HIS A 316 8.71 -11.27 11.12
C HIS A 316 9.81 -10.38 11.71
N ILE A 317 10.49 -10.88 12.75
CA ILE A 317 11.55 -10.13 13.40
C ILE A 317 12.83 -10.95 13.47
N SER A 318 13.93 -10.37 13.03
CA SER A 318 15.24 -10.99 13.13
C SER A 318 16.13 -10.13 14.05
N ALA A 319 17.19 -10.72 14.56
CA ALA A 319 18.15 -10.00 15.40
C ALA A 319 19.52 -9.94 14.75
N LEU A 320 20.21 -8.80 14.91
CA LEU A 320 21.57 -8.67 14.40
C LEU A 320 22.49 -8.25 15.56
N ALA A 321 23.51 -9.03 15.83
CA ALA A 321 24.48 -8.66 16.86
C ALA A 321 25.26 -7.45 16.42
N ALA A 322 25.54 -6.55 17.36
CA ALA A 322 26.31 -5.35 17.09
C ALA A 322 27.66 -5.62 16.44
N ASP A 323 28.36 -6.67 16.85
CA ASP A 323 29.70 -6.94 16.32
C ASP A 323 29.67 -7.87 15.13
N GLY A 324 28.48 -8.29 14.70
CA GLY A 324 28.32 -9.06 13.50
C GLY A 324 28.44 -10.55 13.67
N ARG A 325 28.59 -11.06 14.90
CA ARG A 325 28.63 -12.53 15.06
C ARG A 325 27.28 -13.11 14.66
N SER A 326 27.28 -14.34 14.16
CA SER A 326 26.02 -14.94 13.69
C SER A 326 25.13 -15.27 14.89
N LEU A 327 23.85 -14.94 14.77
CA LEU A 327 22.88 -15.32 15.80
C LEU A 327 21.92 -16.36 15.19
N GLU A 328 22.29 -16.82 14.00
CA GLU A 328 21.53 -17.81 13.26
C GLU A 328 21.02 -18.93 14.15
N HIS A 329 21.94 -19.61 14.83
CA HIS A 329 21.60 -20.76 15.63
C HIS A 329 21.67 -20.53 17.13
N ALA A 330 21.71 -19.26 17.54
CA ALA A 330 21.70 -18.95 18.98
C ALA A 330 20.37 -19.40 19.59
N PRO A 331 20.39 -19.80 20.85
CA PRO A 331 19.17 -20.14 21.56
C PRO A 331 18.21 -18.97 21.58
N THR A 332 16.91 -19.24 21.63
CA THR A 332 15.92 -18.18 21.64
C THR A 332 15.24 -18.05 23.00
N VAL A 333 14.72 -16.87 23.29
CA VAL A 333 13.93 -16.62 24.49
C VAL A 333 12.62 -15.92 24.07
N GLU A 334 11.51 -16.31 24.69
CA GLU A 334 10.23 -15.68 24.38
C GLU A 334 10.28 -14.19 24.77
N THR A 335 10.20 -13.33 23.76
CA THR A 335 10.46 -11.90 23.97
C THR A 335 9.25 -11.05 23.61
N VAL A 336 9.00 -10.01 24.40
CA VAL A 336 8.02 -8.99 24.03
C VAL A 336 8.82 -7.80 23.44
N VAL A 337 8.54 -7.46 22.20
CA VAL A 337 9.28 -6.37 21.54
C VAL A 337 8.41 -5.11 21.52
N ALA A 338 8.97 -4.01 21.98
CA ALA A 338 8.25 -2.77 22.19
C ALA A 338 9.12 -1.56 21.85
N GLY A 339 8.53 -0.39 21.70
CA GLY A 339 9.21 0.78 21.21
C GLY A 339 9.57 1.79 22.27
N PRO A 340 9.93 3.00 21.82
CA PRO A 340 10.35 4.07 22.69
C PRO A 340 9.28 5.06 23.08
N LEU A 341 8.07 4.94 22.54
CA LEU A 341 7.04 5.94 22.78
C LEU A 341 6.60 5.89 24.26
N CYS A 342 6.21 7.04 24.79
CA CYS A 342 5.60 7.05 26.12
C CYS A 342 4.09 6.84 25.95
N GLU A 343 3.75 5.62 25.56
CA GLU A 343 2.42 5.24 25.10
C GLU A 343 2.26 3.73 25.28
N SER A 344 1.27 3.30 26.04
CA SER A 344 1.10 1.89 26.36
C SER A 344 0.95 0.98 25.18
N GLY A 345 0.34 1.40 24.10
CA GLY A 345 0.09 0.56 22.94
C GLY A 345 1.31 0.32 22.07
N ASP A 346 2.47 0.87 22.41
CA ASP A 346 3.65 0.80 21.58
C ASP A 346 4.42 -0.50 21.80
N VAL A 347 3.80 -1.59 21.38
CA VAL A 347 4.30 -2.95 21.52
C VAL A 347 4.12 -3.67 20.16
N PHE A 348 5.22 -4.16 19.61
CA PHE A 348 5.21 -4.74 18.27
C PHE A 348 4.69 -6.17 18.29
N THR A 349 4.85 -6.88 19.41
CA THR A 349 4.38 -8.25 19.53
C THR A 349 3.05 -8.28 20.29
N GLN A 350 1.99 -7.92 19.57
CA GLN A 350 0.65 -7.93 20.15
C GLN A 350 -0.37 -8.43 19.13
N GLN A 351 -1.41 -9.07 19.61
CA GLN A 351 -2.44 -9.63 18.75
C GLN A 351 -3.50 -8.59 18.44
N GLU A 352 -4.34 -8.87 17.46
CA GLU A 352 -5.52 -8.00 17.22
C GLU A 352 -6.32 -7.90 18.51
N GLY A 353 -6.71 -6.69 18.88
CA GLY A 353 -7.45 -6.48 20.13
C GLY A 353 -6.56 -6.09 21.28
N GLY A 354 -5.23 -6.15 21.11
CA GLY A 354 -4.30 -5.64 22.09
C GLY A 354 -3.62 -6.60 22.99
N ASN A 355 -3.92 -7.90 22.98
CA ASN A 355 -3.24 -8.84 23.88
C ASN A 355 -1.75 -8.90 23.55
N VAL A 356 -0.91 -8.72 24.56
CA VAL A 356 0.52 -8.88 24.42
C VAL A 356 0.86 -10.36 24.16
N GLU A 357 1.85 -10.58 23.30
CA GLU A 357 2.32 -11.93 23.03
C GLU A 357 3.85 -11.91 22.90
N THR A 358 4.47 -13.09 22.86
CA THR A 358 5.92 -13.14 22.78
C THR A 358 6.38 -13.68 21.42
N ARG A 359 7.64 -13.41 21.13
CA ARG A 359 8.25 -13.89 19.89
C ARG A 359 9.57 -14.60 20.28
N ALA A 360 9.83 -15.74 19.70
CA ALA A 360 11.07 -16.46 19.96
C ALA A 360 12.23 -15.75 19.27
N LEU A 361 13.09 -15.08 20.06
CA LEU A 361 14.21 -14.34 19.48
C LEU A 361 15.49 -14.63 20.25
N PRO A 362 16.63 -14.50 19.60
CA PRO A 362 17.92 -14.56 20.29
C PRO A 362 17.94 -13.53 21.41
N GLU A 363 18.74 -13.74 22.43
CA GLU A 363 18.80 -12.86 23.58
C GLU A 363 19.69 -11.66 23.34
N VAL A 364 19.16 -10.62 22.72
CA VAL A 364 19.89 -9.42 22.36
C VAL A 364 20.13 -8.50 23.55
N LYS A 365 21.10 -7.62 23.42
CA LYS A 365 21.45 -6.63 24.41
C LYS A 365 21.28 -5.22 23.77
N ALA A 366 21.32 -4.18 24.60
CA ALA A 366 21.32 -2.81 24.07
C ALA A 366 22.50 -2.64 23.11
N GLY A 367 22.27 -2.00 21.98
CA GLY A 367 23.34 -1.84 20.98
C GLY A 367 23.15 -2.80 19.82
N ASP A 368 22.49 -3.93 20.07
CA ASP A 368 22.20 -4.87 18.97
C ASP A 368 21.05 -4.25 18.13
N TYR A 369 20.75 -4.82 16.98
CA TYR A 369 19.67 -4.33 16.15
C TYR A 369 18.60 -5.40 15.93
N LEU A 370 17.36 -4.94 15.72
CA LEU A 370 16.31 -5.82 15.26
C LEU A 370 15.90 -5.42 13.84
N VAL A 371 15.51 -6.40 13.05
CA VAL A 371 14.99 -6.12 11.71
C VAL A 371 13.51 -6.52 11.65
N LEU A 372 12.65 -5.55 11.36
CA LEU A 372 11.22 -5.91 11.12
C LEU A 372 11.06 -6.16 9.63
N HIS A 373 10.67 -7.36 9.26
CA HIS A 373 10.57 -7.77 7.87
C HIS A 373 9.27 -7.30 7.22
N ASP A 374 9.25 -7.32 5.90
CA ASP A 374 8.07 -7.08 5.10
C ASP A 374 7.35 -5.79 5.48
N THR A 375 8.11 -4.69 5.57
CA THR A 375 7.54 -3.40 5.92
C THR A 375 7.48 -2.44 4.74
N GLY A 376 7.55 -2.93 3.52
CA GLY A 376 7.55 -2.07 2.34
C GLY A 376 6.20 -1.43 2.08
N ALA A 377 5.13 -2.11 2.51
CA ALA A 377 3.78 -1.60 2.30
C ALA A 377 3.19 -1.16 3.64
N TYR A 378 2.60 0.02 3.64
CA TYR A 378 1.94 0.58 4.80
C TYR A 378 2.89 0.72 5.99
N GLY A 379 4.16 0.95 5.68
CA GLY A 379 5.16 1.20 6.74
C GLY A 379 5.38 2.72 6.80
N ALA A 380 6.34 3.19 5.98
CA ALA A 380 6.60 4.62 5.95
C ALA A 380 5.35 5.39 5.54
N SER A 381 4.52 4.81 4.68
CA SER A 381 3.36 5.51 4.17
C SER A 381 2.38 5.88 5.26
N MET A 382 2.29 5.10 6.32
CA MET A 382 1.37 5.40 7.43
C MET A 382 1.99 6.18 8.56
N SER A 383 3.29 6.45 8.52
CA SER A 383 3.97 7.05 9.67
C SER A 383 3.35 8.35 10.15
N SER A 384 3.47 8.59 11.45
CA SER A 384 2.98 9.82 12.07
C SER A 384 4.10 10.50 12.84
N ASN A 385 3.87 11.69 13.38
CA ASN A 385 4.86 12.37 14.20
C ASN A 385 4.55 12.26 15.68
N TYR A 386 3.78 11.27 16.09
CA TYR A 386 3.41 11.10 17.49
C TYR A 386 4.63 11.12 18.42
N ASN A 387 4.52 11.84 19.53
CA ASN A 387 5.63 12.06 20.44
C ASN A 387 6.70 12.95 19.81
N SER A 388 6.30 13.85 18.92
CA SER A 388 7.24 14.73 18.22
C SER A 388 8.45 13.97 17.70
N ARG A 389 8.19 12.89 16.97
CA ARG A 389 9.22 12.09 16.34
C ARG A 389 9.16 12.29 14.82
N PRO A 390 10.28 12.65 14.22
CA PRO A 390 10.40 13.02 12.85
C PRO A 390 10.40 11.83 11.89
N LEU A 391 9.77 11.99 10.72
CA LEU A 391 9.78 10.95 9.70
C LEU A 391 11.20 10.44 9.48
N LEU A 392 11.34 9.13 9.38
CA LEU A 392 12.60 8.46 9.22
C LEU A 392 13.17 8.61 7.80
N PRO A 393 14.46 8.29 7.68
CA PRO A 393 15.11 8.20 6.39
C PRO A 393 14.71 6.93 5.65
N GLU A 394 14.75 6.97 4.32
CA GLU A 394 14.47 5.79 3.50
C GLU A 394 15.68 5.53 2.59
N VAL A 395 16.04 4.28 2.46
CA VAL A 395 17.19 3.84 1.68
C VAL A 395 16.77 2.80 0.64
N LEU A 396 17.28 2.94 -0.59
CA LEU A 396 16.93 2.00 -1.65
C LEU A 396 18.13 1.18 -2.10
N PHE A 397 17.99 -0.14 -2.00
CA PHE A 397 19.01 -1.05 -2.49
C PHE A 397 18.72 -1.41 -3.95
N ASP A 398 19.74 -1.37 -4.78
CA ASP A 398 19.65 -1.84 -6.15
C ASP A 398 20.99 -2.46 -6.57
N ASN A 399 20.97 -3.76 -6.78
CA ASN A 399 22.14 -4.52 -7.13
C ASN A 399 23.31 -4.28 -6.18
N GLY A 400 23.08 -4.46 -4.88
CA GLY A 400 24.07 -4.36 -3.86
C GLY A 400 24.42 -2.96 -3.40
N GLN A 401 23.88 -1.94 -4.03
CA GLN A 401 24.18 -0.56 -3.70
C GLN A 401 23.03 0.15 -2.99
N ALA A 402 23.30 0.65 -1.79
CA ALA A 402 22.30 1.36 -1.01
C ALA A 402 22.42 2.87 -1.17
N ARG A 403 21.31 3.53 -1.52
CA ARG A 403 21.29 4.97 -1.67
C ARG A 403 20.11 5.60 -0.91
N LEU A 404 20.34 6.79 -0.39
CA LEU A 404 19.32 7.54 0.33
C LEU A 404 18.23 8.02 -0.65
N ILE A 405 16.98 7.75 -0.33
CA ILE A 405 15.87 8.23 -1.17
C ILE A 405 14.91 9.09 -0.36
N ARG A 406 15.16 9.21 0.95
CA ARG A 406 14.51 10.20 1.78
C ARG A 406 15.39 10.48 3.00
N ARG A 407 15.66 11.76 3.25
CA ARG A 407 16.46 12.11 4.43
C ARG A 407 15.55 12.23 5.66
N ARG A 408 16.15 12.09 6.83
CA ARG A 408 15.42 12.22 8.08
C ARG A 408 14.81 13.62 8.20
N GLN A 409 13.53 13.67 8.53
CA GLN A 409 12.87 14.98 8.78
C GLN A 409 13.50 15.56 10.05
N THR A 410 13.47 16.87 10.22
CA THR A 410 14.01 17.46 11.46
C THR A 410 12.87 18.02 12.30
N ILE A 411 13.13 18.25 13.58
CA ILE A 411 12.16 18.92 14.45
C ILE A 411 11.96 20.37 14.04
N GLU A 412 13.01 21.00 13.50
CA GLU A 412 12.92 22.37 13.02
C GLU A 412 11.88 22.52 11.91
N GLU A 413 11.83 21.55 11.00
CA GLU A 413 10.84 21.57 9.92
C GLU A 413 9.41 21.48 10.45
N LEU A 414 9.22 20.73 11.53
CA LEU A 414 7.91 20.65 12.18
C LEU A 414 7.60 21.92 12.94
N LEU A 415 8.63 22.50 13.59
CA LEU A 415 8.46 23.75 14.32
C LEU A 415 8.23 24.95 13.43
N ALA A 416 8.73 24.92 12.19
CA ALA A 416 8.52 26.01 11.25
C ALA A 416 7.05 26.24 10.94
N LEU A 417 6.22 25.22 11.08
CA LEU A 417 4.78 25.35 10.88
C LEU A 417 4.15 26.25 11.92
N GLU A 418 4.77 26.33 13.09
CA GLU A 418 4.25 27.04 14.25
C GLU A 418 4.94 28.37 14.50
N LEU A 419 6.11 28.56 13.91
CA LEU A 419 6.85 29.82 14.06
C LEU A 419 6.51 30.72 12.87
N LEU A 420 5.53 31.59 13.07
CA LEU A 420 4.89 32.29 11.96
C LEU A 420 5.46 33.65 11.66
N HIS A 421 6.41 34.11 12.43
CA HIS A 421 7.19 35.31 12.21
C HIS A 421 8.30 35.33 13.31
N HIS A 422 9.07 34.25 13.29
CA HIS A 422 9.93 33.86 14.38
C HIS A 422 9.18 33.01 15.40
S SO4 B . -6.95 -5.47 5.67
O1 SO4 B . -7.65 -6.78 5.95
O2 SO4 B . -7.84 -4.34 6.06
O3 SO4 B . -6.61 -5.39 4.22
O4 SO4 B . -5.69 -5.41 6.48
LI LI C . -18.39 -5.23 6.67
LI LI D . 7.67 10.01 12.35
N1 PLP E . -6.97 0.61 -4.94
C2 PLP E . -7.47 1.59 -4.13
C2A PLP E . -8.56 2.51 -4.70
C3 PLP E . -6.99 1.66 -2.82
O3 PLP E . -7.48 2.52 -1.99
C4 PLP E . -5.97 0.77 -2.37
C4A PLP E . -5.32 0.83 -1.05
C5 PLP E . -5.47 -0.19 -3.30
C6 PLP E . -5.99 -0.26 -4.59
C5A PLP E . -4.35 -1.13 -2.89
O4P PLP E . -4.78 -2.03 -1.86
P PLP E . -3.74 -3.21 -1.46
O1P PLP E . -2.52 -2.57 -0.87
O2P PLP E . -4.41 -4.11 -0.49
O3P PLP E . -3.39 -3.95 -2.71
O1 MES F . -3.43 -0.97 6.98
C2 MES F . -4.72 -1.17 7.39
C3 MES F . -5.73 -1.45 6.52
N4 MES F . -5.54 -1.17 5.16
C5 MES F . -4.28 -0.65 4.71
C6 MES F . -3.30 -0.37 5.70
C7 MES F . -6.62 -1.51 4.17
C8 MES F . -6.43 -0.86 2.88
S MES F . -7.78 -1.07 1.91
O1S MES F . -7.98 -2.53 1.80
O2S MES F . -8.90 -0.42 2.67
O3S MES F . -7.52 -0.40 0.64
#